data_3DFE
#
_entry.id   3DFE
#
_cell.length_a   63.491
_cell.length_b   78.749
_cell.length_c   65.544
_cell.angle_alpha   90.000
_cell.angle_beta   100.560
_cell.angle_gamma   90.000
#
_symmetry.space_group_name_H-M   'P 1 21 1'
#
loop_
_entity.id
_entity.type
_entity.pdbx_description
1 polymer 'Putative Pii-Like Signaling Protein'
2 non-polymer 1,2-ETHANEDIOL
3 non-polymer 'ISOPROPYL ALCOHOL'
4 water water
#
_entity_poly.entity_id   1
_entity_poly.type   'polypeptide(L)'
_entity_poly.pdbx_seq_one_letter_code
;G(MSE)SKRANKLVIVTEKVLLKKVAKIIEEAGATGYTVVDTGGKGSRNVRSTGKPNTSDTDSNVKFEVLTENRE(MSE)
AEKIADQVAIKFFTDYAGIIYICEAEVLYGRTFCGPDGC
;
_entity_poly.pdbx_strand_id   A,B,C,D,E,F
#
loop_
_chem_comp.id
_chem_comp.type
_chem_comp.name
_chem_comp.formula
EDO non-polymer 1,2-ETHANEDIOL 'C2 H6 O2'
IPA non-polymer 'ISOPROPYL ALCOHOL' 'C3 H8 O'
#
# COMPACT_ATOMS: atom_id res chain seq x y z
N SER A 3 1.71 -8.60 -11.25
CA SER A 3 0.50 -7.85 -10.87
C SER A 3 0.91 -6.66 -9.95
N LYS A 4 0.39 -5.47 -10.24
CA LYS A 4 0.89 -4.25 -9.60
C LYS A 4 -0.01 -3.61 -8.55
N ARG A 5 0.58 -3.24 -7.41
CA ARG A 5 -0.17 -2.58 -6.31
C ARG A 5 -0.39 -1.11 -6.66
N ALA A 6 -1.64 -0.66 -6.55
CA ALA A 6 -2.05 0.68 -6.90
C ALA A 6 -3.00 1.29 -5.86
N ASN A 7 -3.18 2.61 -5.93
CA ASN A 7 -3.98 3.35 -5.04
C ASN A 7 -5.28 3.60 -5.70
N LYS A 8 -6.34 3.11 -5.08
CA LYS A 8 -7.64 3.37 -5.58
C LYS A 8 -8.12 4.57 -4.77
N LEU A 9 -7.97 5.76 -5.33
CA LEU A 9 -8.45 6.97 -4.69
C LEU A 9 -9.92 7.06 -5.02
N VAL A 10 -10.79 7.22 -4.00
CA VAL A 10 -12.24 7.41 -4.17
C VAL A 10 -12.60 8.83 -3.66
N ILE A 11 -13.43 9.55 -4.42
CA ILE A 11 -13.90 10.87 -4.10
C ILE A 11 -15.42 10.86 -4.21
N VAL A 12 -16.13 11.08 -3.11
CA VAL A 12 -17.56 11.18 -3.13
C VAL A 12 -17.87 12.65 -2.82
N THR A 13 -18.65 13.29 -3.69
CA THR A 13 -19.00 14.68 -3.52
C THR A 13 -20.29 14.97 -4.22
N GLU A 14 -20.68 16.24 -4.24
CA GLU A 14 -21.93 16.63 -4.85
C GLU A 14 -21.87 16.53 -6.36
N LYS A 15 -23.00 16.16 -6.96
CA LYS A 15 -23.05 15.99 -8.41
C LYS A 15 -22.67 17.26 -9.18
N VAL A 16 -23.00 18.43 -8.65
CA VAL A 16 -22.68 19.71 -9.31
C VAL A 16 -21.19 19.91 -9.62
N LEU A 17 -20.32 19.24 -8.86
CA LEU A 17 -18.87 19.35 -9.06
C LEU A 17 -18.30 18.29 -10.03
N LEU A 18 -19.18 17.58 -10.72
CA LEU A 18 -18.72 16.47 -11.61
C LEU A 18 -17.66 16.91 -12.61
N LYS A 19 -18.00 17.95 -13.38
CA LYS A 19 -17.08 18.49 -14.41
C LYS A 19 -15.79 19.04 -13.79
N LYS A 20 -15.94 19.78 -12.70
CA LYS A 20 -14.82 20.41 -12.05
C LYS A 20 -13.85 19.38 -11.51
N VAL A 21 -14.37 18.35 -10.84
CA VAL A 21 -13.51 17.31 -10.31
C VAL A 21 -12.93 16.46 -11.45
N ALA A 22 -13.75 16.18 -12.48
CA ALA A 22 -13.20 15.40 -13.63
C ALA A 22 -11.97 16.13 -14.21
N LYS A 23 -12.09 17.45 -14.35
CA LYS A 23 -11.00 18.26 -14.89
C LYS A 23 -9.72 18.13 -14.10
N ILE A 24 -9.80 18.10 -12.76
CA ILE A 24 -8.62 17.99 -11.86
C ILE A 24 -7.97 16.60 -11.95
N ILE A 25 -8.84 15.58 -12.08
CA ILE A 25 -8.39 14.18 -12.22
C ILE A 25 -7.52 14.12 -13.48
N GLU A 26 -8.13 14.56 -14.59
CA GLU A 26 -7.42 14.59 -15.89
C GLU A 26 -6.11 15.40 -15.83
N GLU A 27 -6.20 16.65 -15.36
CA GLU A 27 -5.02 17.53 -15.33
C GLU A 27 -3.94 17.02 -14.38
N ALA A 28 -4.30 16.17 -13.43
CA ALA A 28 -3.28 15.56 -12.54
C ALA A 28 -2.48 14.50 -13.32
N GLY A 29 -3.04 14.10 -14.47
CA GLY A 29 -2.45 13.11 -15.38
C GLY A 29 -3.04 11.72 -15.19
N ALA A 30 -4.21 11.67 -14.58
CA ALA A 30 -4.91 10.41 -14.43
C ALA A 30 -4.93 9.76 -15.79
N THR A 31 -4.73 8.47 -15.89
CA THR A 31 -4.96 7.78 -17.19
C THR A 31 -6.47 7.56 -17.41
N GLY A 32 -7.22 7.45 -16.32
CA GLY A 32 -8.69 7.19 -16.38
C GLY A 32 -9.28 7.17 -14.96
N TYR A 33 -10.59 7.28 -14.94
CA TYR A 33 -11.52 7.26 -13.82
C TYR A 33 -12.83 6.65 -14.16
N THR A 34 -13.54 6.26 -13.10
CA THR A 34 -14.94 5.78 -13.15
C THR A 34 -15.82 6.81 -12.44
N VAL A 35 -17.06 6.98 -12.85
CA VAL A 35 -17.88 7.90 -12.12
C VAL A 35 -19.28 7.34 -12.02
N VAL A 36 -19.86 7.36 -10.81
CA VAL A 36 -21.23 6.83 -10.59
C VAL A 36 -22.15 7.81 -9.89
N ASP A 37 -23.44 7.71 -10.09
CA ASP A 37 -24.32 8.55 -9.29
C ASP A 37 -24.60 7.77 -7.99
N THR A 38 -24.67 8.49 -6.86
CA THR A 38 -24.90 7.86 -5.56
C THR A 38 -25.80 8.70 -4.69
N GLY A 39 -26.54 8.05 -3.80
CA GLY A 39 -27.40 8.71 -2.83
C GLY A 39 -26.69 8.76 -1.48
N GLY A 40 -27.38 9.22 -0.43
CA GLY A 40 -26.78 9.33 0.92
C GLY A 40 -27.54 10.22 1.91
N SER A 59 -27.88 12.85 -4.40
CA SER A 59 -27.47 13.89 -5.35
C SER A 59 -25.94 14.00 -5.40
N ASN A 60 -25.29 12.86 -5.25
CA ASN A 60 -23.85 12.80 -5.23
C ASN A 60 -23.26 12.11 -6.41
N VAL A 61 -21.93 12.14 -6.45
CA VAL A 61 -21.20 11.46 -7.48
C VAL A 61 -20.00 10.78 -6.87
N LYS A 62 -19.68 9.58 -7.34
CA LYS A 62 -18.47 8.90 -6.79
C LYS A 62 -17.41 8.65 -7.87
N PHE A 63 -16.28 9.29 -7.75
CA PHE A 63 -15.19 9.08 -8.69
C PHE A 63 -14.40 8.01 -8.15
N GLU A 64 -13.86 7.09 -8.96
CA GLU A 64 -12.75 6.12 -8.48
C GLU A 64 -11.64 6.22 -9.51
N VAL A 65 -10.41 6.31 -9.02
CA VAL A 65 -9.26 6.57 -9.82
C VAL A 65 -8.07 5.71 -9.33
N LEU A 66 -7.55 4.84 -10.20
CA LEU A 66 -6.40 4.00 -9.84
C LEU A 66 -5.19 4.83 -10.24
N THR A 67 -4.46 5.39 -9.30
CA THR A 67 -3.47 6.31 -9.68
C THR A 67 -2.14 5.56 -9.78
N GLU A 68 -1.20 6.21 -10.49
CA GLU A 68 0.08 5.65 -10.81
C GLU A 68 0.71 5.48 -9.47
N ASN A 69 1.00 6.57 -8.78
CA ASN A 69 1.65 6.52 -7.47
C ASN A 69 0.86 7.25 -6.39
N ARG A 70 1.32 7.10 -5.14
CA ARG A 70 0.71 7.75 -4.01
C ARG A 70 0.60 9.25 -4.21
N GLU A 71 1.75 9.83 -4.49
CA GLU A 71 1.92 11.25 -4.80
C GLU A 71 0.78 11.83 -5.69
N MSE A 72 0.42 11.14 -6.75
CA MSE A 72 -0.70 11.62 -7.64
C MSE A 72 -2.05 11.50 -6.92
O MSE A 72 -2.99 12.32 -7.16
CB MSE A 72 -0.78 10.83 -8.97
CG MSE A 72 -1.82 11.45 -9.99
SE MSE A 72 -2.16 10.17 -11.40
CE MSE A 72 -0.12 10.17 -11.81
N ALA A 73 -2.22 10.45 -6.12
CA ALA A 73 -3.48 10.27 -5.41
C ALA A 73 -3.70 11.49 -4.47
N GLU A 74 -2.65 11.81 -3.71
CA GLU A 74 -2.65 12.88 -2.77
C GLU A 74 -2.78 14.23 -3.44
N LYS A 75 -2.09 14.43 -4.57
CA LYS A 75 -2.18 15.72 -5.27
C LYS A 75 -3.63 15.94 -5.64
N ILE A 76 -4.31 14.97 -6.22
CA ILE A 76 -5.72 15.15 -6.61
C ILE A 76 -6.66 15.39 -5.41
N ALA A 77 -6.36 14.71 -4.30
CA ALA A 77 -7.12 14.81 -3.06
C ALA A 77 -7.01 16.21 -2.47
N ASP A 78 -5.78 16.69 -2.36
CA ASP A 78 -5.49 18.02 -1.85
C ASP A 78 -6.18 19.13 -2.65
N GLN A 79 -6.14 19.03 -3.98
CA GLN A 79 -6.75 20.06 -4.80
C GLN A 79 -8.23 20.05 -4.69
N VAL A 80 -8.82 18.87 -4.76
CA VAL A 80 -10.28 18.78 -4.66
C VAL A 80 -10.76 19.35 -3.30
N ALA A 81 -10.09 18.93 -2.23
CA ALA A 81 -10.45 19.33 -0.89
C ALA A 81 -10.27 20.80 -0.66
N ILE A 82 -9.06 21.29 -0.92
CA ILE A 82 -8.76 22.70 -0.73
C ILE A 82 -9.66 23.61 -1.56
N LYS A 83 -9.88 23.24 -2.82
CA LYS A 83 -10.71 24.06 -3.69
C LYS A 83 -12.22 23.96 -3.40
N PHE A 84 -12.74 22.82 -2.97
CA PHE A 84 -14.21 22.72 -2.79
C PHE A 84 -14.78 22.31 -1.42
N PHE A 85 -14.01 21.67 -0.54
CA PHE A 85 -14.58 21.14 0.71
C PHE A 85 -14.96 22.10 1.80
N THR A 86 -14.67 23.39 1.64
CA THR A 86 -15.14 24.35 2.60
C THR A 86 -16.60 24.73 2.25
N ASP A 87 -16.99 24.51 0.99
CA ASP A 87 -18.34 24.90 0.51
C ASP A 87 -19.25 23.76 0.05
N TYR A 88 -18.67 22.61 -0.25
CA TYR A 88 -19.44 21.45 -0.71
C TYR A 88 -19.12 20.25 0.13
N ALA A 89 -20.10 19.38 0.32
CA ALA A 89 -19.89 18.18 1.09
C ALA A 89 -19.05 17.24 0.27
N GLY A 90 -18.26 16.44 0.96
CA GLY A 90 -17.46 15.46 0.28
C GLY A 90 -16.59 14.63 1.18
N ILE A 91 -16.18 13.48 0.67
CA ILE A 91 -15.24 12.62 1.37
C ILE A 91 -14.32 11.99 0.35
N ILE A 92 -13.08 11.74 0.77
CA ILE A 92 -12.05 11.21 -0.08
C ILE A 92 -11.24 10.20 0.72
N TYR A 93 -11.10 8.99 0.17
CA TYR A 93 -10.28 7.96 0.79
C TYR A 93 -9.59 7.13 -0.29
N ILE A 94 -8.63 6.38 0.16
CA ILE A 94 -7.81 5.53 -0.65
C ILE A 94 -7.95 4.11 -0.15
N CYS A 95 -8.09 3.19 -1.09
CA CYS A 95 -8.11 1.74 -0.85
C CYS A 95 -6.98 1.13 -1.68
N GLU A 96 -6.26 0.14 -1.11
CA GLU A 96 -5.22 -0.58 -1.81
C GLU A 96 -5.85 -1.52 -2.81
N ALA A 97 -5.39 -1.46 -4.06
CA ALA A 97 -5.90 -2.27 -5.16
C ALA A 97 -4.76 -2.99 -5.85
N GLU A 98 -4.97 -4.19 -6.33
CA GLU A 98 -3.93 -4.90 -7.05
C GLU A 98 -4.43 -5.00 -8.49
N VAL A 99 -3.82 -4.25 -9.40
CA VAL A 99 -4.25 -4.26 -10.79
C VAL A 99 -3.70 -5.49 -11.50
N LEU A 100 -4.60 -6.22 -12.14
CA LEU A 100 -4.28 -7.44 -12.87
C LEU A 100 -4.20 -7.18 -14.37
N TYR A 101 -5.20 -6.47 -14.89
CA TYR A 101 -5.24 -6.12 -16.30
C TYR A 101 -5.59 -4.64 -16.47
N GLY A 102 -5.18 -4.03 -17.58
CA GLY A 102 -5.49 -2.62 -17.89
C GLY A 102 -4.48 -1.56 -17.44
N MSE B 2 -2.41 14.36 5.78
CA MSE B 2 -2.44 13.13 6.68
C MSE B 2 -3.68 12.30 6.60
O MSE B 2 -4.73 12.81 6.24
CB MSE B 2 -2.26 13.51 8.12
CG MSE B 2 -0.95 14.14 8.36
SE MSE B 2 -0.69 14.01 10.18
CE MSE B 2 -0.29 12.08 10.37
N SER B 3 -3.57 11.04 7.00
CA SER B 3 -4.73 10.15 6.90
C SER B 3 -4.98 9.30 8.13
N LYS B 4 -6.20 8.78 8.22
CA LYS B 4 -6.64 7.91 9.30
C LYS B 4 -7.24 6.65 8.69
N ARG B 5 -6.89 5.51 9.25
CA ARG B 5 -7.40 4.20 8.86
C ARG B 5 -8.84 4.03 9.34
N ALA B 6 -9.71 3.56 8.46
CA ALA B 6 -11.10 3.35 8.79
C ALA B 6 -11.59 2.07 8.14
N ASN B 7 -12.76 1.62 8.60
CA ASN B 7 -13.42 0.44 8.07
C ASN B 7 -14.45 0.91 7.08
N LYS B 8 -14.40 0.40 5.88
CA LYS B 8 -15.41 0.70 4.90
C LYS B 8 -16.32 -0.50 4.94
N LEU B 9 -17.46 -0.33 5.58
CA LEU B 9 -18.48 -1.38 5.66
C LEU B 9 -19.33 -1.30 4.43
N VAL B 10 -19.46 -2.43 3.71
CA VAL B 10 -20.33 -2.49 2.53
C VAL B 10 -21.50 -3.47 2.76
N ILE B 11 -22.71 -3.03 2.50
CA ILE B 11 -23.91 -3.82 2.63
C ILE B 11 -24.59 -3.87 1.27
N VAL B 12 -24.70 -5.06 0.68
CA VAL B 12 -25.42 -5.22 -0.58
C VAL B 12 -26.65 -6.06 -0.22
N THR B 13 -27.84 -5.53 -0.50
CA THR B 13 -29.09 -6.21 -0.17
C THR B 13 -30.16 -5.80 -1.17
N GLU B 14 -31.39 -6.24 -0.92
CA GLU B 14 -32.50 -5.98 -1.79
C GLU B 14 -32.98 -4.53 -1.65
N LYS B 15 -33.37 -3.90 -2.77
CA LYS B 15 -33.74 -2.48 -2.76
C LYS B 15 -34.90 -2.18 -1.81
N VAL B 16 -35.80 -3.14 -1.60
CA VAL B 16 -36.93 -2.97 -0.67
C VAL B 16 -36.51 -2.60 0.77
N LEU B 17 -35.31 -2.98 1.15
CA LEU B 17 -34.78 -2.73 2.49
C LEU B 17 -34.01 -1.41 2.61
N LEU B 18 -34.02 -0.57 1.58
CA LEU B 18 -33.24 0.68 1.59
C LEU B 18 -33.54 1.58 2.80
N LYS B 19 -34.82 1.88 3.04
CA LYS B 19 -35.23 2.74 4.16
C LYS B 19 -34.90 2.09 5.51
N LYS B 20 -35.19 0.79 5.64
CA LYS B 20 -34.91 0.11 6.89
C LYS B 20 -33.41 0.06 7.20
N VAL B 21 -32.58 -0.29 6.22
CA VAL B 21 -31.13 -0.35 6.44
C VAL B 21 -30.54 1.05 6.67
N ALA B 22 -31.03 2.04 5.95
CA ALA B 22 -30.58 3.42 6.16
C ALA B 22 -30.83 3.86 7.60
N LYS B 23 -31.99 3.49 8.15
CA LYS B 23 -32.34 3.80 9.55
C LYS B 23 -31.37 3.18 10.55
N ILE B 24 -30.97 1.93 10.29
CA ILE B 24 -30.03 1.20 11.12
C ILE B 24 -28.64 1.88 11.13
N ILE B 25 -28.19 2.29 9.95
CA ILE B 25 -26.91 2.97 9.81
C ILE B 25 -26.92 4.25 10.64
N GLU B 26 -27.95 5.06 10.40
CA GLU B 26 -28.13 6.34 11.08
C GLU B 26 -28.22 6.17 12.61
N GLU B 27 -29.08 5.24 13.06
CA GLU B 27 -29.24 4.96 14.48
C GLU B 27 -28.00 4.40 15.15
N ALA B 28 -27.12 3.78 14.38
CA ALA B 28 -25.85 3.26 14.89
C ALA B 28 -24.86 4.40 15.20
N GLY B 29 -25.14 5.57 14.61
CA GLY B 29 -24.32 6.76 14.81
C GLY B 29 -23.42 7.01 13.63
N ALA B 30 -23.69 6.37 12.50
CA ALA B 30 -22.88 6.61 11.31
C ALA B 30 -23.01 8.08 10.96
N THR B 31 -21.88 8.71 10.65
CA THR B 31 -21.87 10.14 10.31
C THR B 31 -22.35 10.35 8.86
N GLY B 32 -22.29 9.29 8.05
CA GLY B 32 -22.76 9.39 6.66
C GLY B 32 -22.64 8.06 5.93
N TYR B 33 -23.29 7.97 4.79
CA TYR B 33 -23.24 6.78 3.96
C TYR B 33 -23.55 7.09 2.50
N THR B 34 -23.14 6.20 1.62
CA THR B 34 -23.37 6.25 0.19
C THR B 34 -24.31 5.09 -0.13
N VAL B 35 -25.20 5.28 -1.09
CA VAL B 35 -26.10 4.21 -1.48
C VAL B 35 -26.25 4.26 -3.02
N VAL B 36 -26.13 3.09 -3.66
CA VAL B 36 -26.18 2.98 -5.12
C VAL B 36 -27.11 1.84 -5.54
N ASP B 37 -27.75 1.97 -6.70
CA ASP B 37 -28.58 0.87 -7.19
C ASP B 37 -27.64 -0.07 -7.94
N THR B 38 -27.82 -1.38 -7.77
CA THR B 38 -26.96 -2.38 -8.39
C THR B 38 -27.74 -3.61 -8.86
N GLY B 39 -27.21 -4.28 -9.88
CA GLY B 39 -27.82 -5.50 -10.43
C GLY B 39 -27.05 -6.70 -9.92
N GLY B 40 -27.38 -7.90 -10.42
CA GLY B 40 -26.71 -9.13 -9.99
C GLY B 40 -27.44 -10.42 -10.31
N SER B 59 -31.81 -6.28 -8.87
CA SER B 59 -32.72 -5.34 -8.20
C SER B 59 -32.30 -5.09 -6.73
N ASN B 60 -31.08 -4.58 -6.57
CA ASN B 60 -30.41 -4.43 -5.28
C ASN B 60 -29.98 -3.02 -4.96
N VAL B 61 -29.48 -2.85 -3.73
CA VAL B 61 -28.94 -1.56 -3.31
C VAL B 61 -27.64 -1.84 -2.57
N LYS B 62 -26.64 -0.97 -2.76
CA LYS B 62 -25.36 -1.12 -2.10
C LYS B 62 -25.08 0.08 -1.22
N PHE B 63 -24.98 -0.13 0.09
CA PHE B 63 -24.60 0.93 1.01
C PHE B 63 -23.09 0.82 1.24
N GLU B 64 -22.44 1.96 1.40
CA GLU B 64 -21.05 2.05 1.81
C GLU B 64 -21.00 3.04 2.99
N VAL B 65 -20.36 2.61 4.08
CA VAL B 65 -20.27 3.40 5.28
C VAL B 65 -18.86 3.32 5.85
N LEU B 66 -18.20 4.45 6.01
CA LEU B 66 -16.90 4.51 6.64
C LEU B 66 -17.19 4.69 8.11
N THR B 67 -16.87 3.70 8.92
CA THR B 67 -17.23 3.77 10.32
C THR B 67 -16.09 4.30 11.17
N GLU B 68 -16.45 4.85 12.33
CA GLU B 68 -15.48 5.41 13.26
C GLU B 68 -14.53 4.26 13.62
N ASN B 69 -15.10 3.23 14.23
CA ASN B 69 -14.34 2.08 14.67
C ASN B 69 -14.94 0.79 14.15
N ARG B 70 -14.20 -0.29 14.39
CA ARG B 70 -14.60 -1.62 14.02
C ARG B 70 -15.92 -1.99 14.69
N GLU B 71 -16.02 -1.75 16.00
CA GLU B 71 -17.22 -2.03 16.79
C GLU B 71 -18.49 -1.49 16.16
N MSE B 72 -18.47 -0.27 15.63
CA MSE B 72 -19.67 0.26 14.96
C MSE B 72 -19.97 -0.50 13.65
O MSE B 72 -21.14 -0.75 13.34
CB MSE B 72 -19.52 1.75 14.62
CG MSE B 72 -20.80 2.39 14.01
SE MSE B 72 -20.39 4.18 13.33
CE MSE B 72 -20.12 4.99 15.16
N ALA B 73 -18.92 -0.82 12.90
CA ALA B 73 -19.09 -1.58 11.65
C ALA B 73 -19.78 -2.92 11.95
N GLU B 74 -19.30 -3.60 12.97
CA GLU B 74 -19.86 -4.89 13.38
C GLU B 74 -21.28 -4.77 13.95
N LYS B 75 -21.55 -3.69 14.69
CA LYS B 75 -22.87 -3.47 15.27
C LYS B 75 -23.90 -3.34 14.15
N ILE B 76 -23.60 -2.51 13.16
CA ILE B 76 -24.49 -2.31 12.02
C ILE B 76 -24.72 -3.61 11.21
N ALA B 77 -23.63 -4.34 11.01
CA ALA B 77 -23.65 -5.59 10.26
C ALA B 77 -24.49 -6.64 10.98
N ASP B 78 -24.29 -6.79 12.29
CA ASP B 78 -25.06 -7.72 13.12
C ASP B 78 -26.53 -7.38 13.08
N GLN B 79 -26.85 -6.11 13.28
CA GLN B 79 -28.23 -5.63 13.23
C GLN B 79 -28.93 -5.92 11.90
N VAL B 80 -28.29 -5.60 10.80
CA VAL B 80 -28.91 -5.82 9.49
C VAL B 80 -29.09 -7.29 9.22
N ALA B 81 -28.07 -8.09 9.49
CA ALA B 81 -28.06 -9.53 9.25
C ALA B 81 -29.13 -10.26 10.07
N ILE B 82 -29.04 -10.09 11.38
CA ILE B 82 -29.98 -10.71 12.30
C ILE B 82 -31.42 -10.37 11.95
N LYS B 83 -31.67 -9.09 11.68
CA LYS B 83 -33.01 -8.60 11.38
C LYS B 83 -33.56 -8.99 9.99
N PHE B 84 -32.71 -9.04 8.97
CA PHE B 84 -33.22 -9.29 7.60
C PHE B 84 -32.71 -10.48 6.83
N PHE B 85 -31.53 -10.99 7.18
CA PHE B 85 -30.87 -11.99 6.37
C PHE B 85 -31.41 -13.40 6.41
N THR B 86 -32.37 -13.66 7.28
CA THR B 86 -33.01 -14.96 7.25
C THR B 86 -34.04 -14.90 6.11
N ASP B 87 -34.67 -13.74 5.94
CA ASP B 87 -35.73 -13.53 4.95
C ASP B 87 -35.30 -12.95 3.60
N TYR B 88 -34.27 -12.10 3.62
CA TYR B 88 -33.82 -11.41 2.42
C TYR B 88 -32.38 -11.77 2.06
N ALA B 89 -32.05 -11.62 0.77
CA ALA B 89 -30.70 -11.89 0.29
C ALA B 89 -29.80 -10.66 0.49
N GLY B 90 -28.51 -10.92 0.66
CA GLY B 90 -27.55 -9.86 0.85
C GLY B 90 -26.20 -10.33 1.37
N ILE B 91 -25.19 -9.48 1.21
CA ILE B 91 -23.84 -9.71 1.74
C ILE B 91 -23.36 -8.46 2.45
N ILE B 92 -22.58 -8.69 3.50
CA ILE B 92 -21.99 -7.59 4.23
C ILE B 92 -20.50 -7.85 4.36
N TYR B 93 -19.67 -6.86 4.02
CA TYR B 93 -18.24 -7.05 4.15
C TYR B 93 -17.58 -5.75 4.52
N ILE B 94 -16.32 -5.85 4.95
CA ILE B 94 -15.50 -4.70 5.29
C ILE B 94 -14.22 -4.67 4.48
N CYS B 95 -13.85 -3.47 4.05
CA CYS B 95 -12.60 -3.21 3.34
C CYS B 95 -11.87 -2.15 4.14
N GLU B 96 -10.55 -2.21 4.21
CA GLU B 96 -9.77 -1.18 4.88
C GLU B 96 -9.72 0.01 3.95
N ALA B 97 -9.94 1.19 4.52
CA ALA B 97 -9.88 2.47 3.80
C ALA B 97 -8.98 3.41 4.58
N GLU B 98 -8.30 4.27 3.86
CA GLU B 98 -7.46 5.26 4.48
C GLU B 98 -8.13 6.61 4.14
N VAL B 99 -8.76 7.25 5.12
CA VAL B 99 -9.48 8.52 4.91
C VAL B 99 -8.51 9.70 4.91
N LEU B 100 -8.55 10.45 3.82
CA LEU B 100 -7.70 11.62 3.64
C LEU B 100 -8.44 12.89 4.03
N TYR B 101 -9.70 13.01 3.61
CA TYR B 101 -10.55 14.18 3.86
C TYR B 101 -12.00 13.78 4.07
N GLY B 102 -12.68 14.57 4.92
CA GLY B 102 -14.08 14.35 5.29
C GLY B 102 -14.24 14.12 6.80
N LYS C 4 -14.33 -13.93 7.55
CA LYS C 4 -13.46 -14.60 6.53
C LYS C 4 -12.91 -13.64 5.48
N ARG C 5 -11.60 -13.71 5.24
CA ARG C 5 -10.93 -12.85 4.25
C ARG C 5 -11.19 -13.38 2.84
N ALA C 6 -11.58 -12.50 1.93
CA ALA C 6 -11.88 -12.88 0.57
C ALA C 6 -11.33 -11.85 -0.39
N ASN C 7 -11.39 -12.19 -1.66
CA ASN C 7 -10.90 -11.35 -2.72
C ASN C 7 -12.09 -10.69 -3.35
N LYS C 8 -12.08 -9.37 -3.39
CA LYS C 8 -13.12 -8.65 -4.08
C LYS C 8 -12.54 -8.34 -5.46
N LEU C 9 -12.94 -9.12 -6.45
CA LEU C 9 -12.48 -8.90 -7.82
C LEU C 9 -13.39 -7.85 -8.45
N VAL C 10 -12.79 -6.80 -9.00
CA VAL C 10 -13.57 -5.76 -9.69
C VAL C 10 -13.18 -5.71 -11.20
N ILE C 11 -14.19 -5.75 -12.07
CA ILE C 11 -14.02 -5.71 -13.51
C ILE C 11 -14.78 -4.50 -14.02
N VAL C 12 -14.08 -3.52 -14.58
CA VAL C 12 -14.74 -2.36 -15.20
C VAL C 12 -14.48 -2.48 -16.70
N THR C 13 -15.55 -2.53 -17.49
CA THR C 13 -15.41 -2.69 -18.92
C THR C 13 -16.60 -2.04 -19.61
N GLU C 14 -16.71 -2.22 -20.93
CA GLU C 14 -17.76 -1.61 -21.72
C GLU C 14 -19.10 -2.30 -21.47
N LYS C 15 -20.19 -1.52 -21.44
CA LYS C 15 -21.52 -2.06 -21.16
C LYS C 15 -21.94 -3.18 -22.14
N VAL C 16 -21.47 -3.11 -23.38
CA VAL C 16 -21.79 -4.15 -24.38
C VAL C 16 -21.39 -5.57 -23.95
N LEU C 17 -20.38 -5.69 -23.10
CA LEU C 17 -19.89 -6.99 -22.64
C LEU C 17 -20.58 -7.51 -21.37
N LEU C 18 -21.64 -6.83 -20.91
CA LEU C 18 -22.32 -7.21 -19.66
C LEU C 18 -22.70 -8.69 -19.63
N LYS C 19 -23.45 -9.15 -20.63
CA LYS C 19 -23.92 -10.53 -20.68
C LYS C 19 -22.75 -11.51 -20.81
N LYS C 20 -21.79 -11.18 -21.66
CA LYS C 20 -20.63 -12.05 -21.85
C LYS C 20 -19.83 -12.21 -20.54
N VAL C 21 -19.53 -11.10 -19.87
CA VAL C 21 -18.74 -11.14 -18.63
C VAL C 21 -19.53 -11.80 -17.49
N ALA C 22 -20.83 -11.55 -17.44
CA ALA C 22 -21.68 -12.19 -16.44
C ALA C 22 -21.60 -13.72 -16.59
N LYS C 23 -21.64 -14.21 -17.82
CA LYS C 23 -21.56 -15.66 -18.12
C LYS C 23 -20.25 -16.27 -17.63
N ILE C 24 -19.14 -15.55 -17.83
CA ILE C 24 -17.82 -15.99 -17.39
C ILE C 24 -17.75 -16.10 -15.87
N ILE C 25 -18.31 -15.10 -15.18
CA ILE C 25 -18.32 -15.08 -13.72
C ILE C 25 -19.08 -16.30 -13.22
N GLU C 26 -20.29 -16.48 -13.75
CA GLU C 26 -21.15 -17.60 -13.38
C GLU C 26 -20.51 -18.96 -13.68
N GLU C 27 -19.98 -19.12 -14.89
CA GLU C 27 -19.33 -20.36 -15.31
C GLU C 27 -18.03 -20.66 -14.53
N ALA C 28 -17.41 -19.63 -13.95
CA ALA C 28 -16.22 -19.81 -13.12
C ALA C 28 -16.59 -20.41 -11.76
N GLY C 29 -17.87 -20.33 -11.40
CA GLY C 29 -18.39 -20.87 -10.14
C GLY C 29 -18.63 -19.78 -9.13
N ALA C 30 -18.67 -18.53 -9.57
CA ALA C 30 -18.95 -17.42 -8.66
C ALA C 30 -20.33 -17.64 -8.05
N THR C 31 -20.43 -17.50 -6.74
CA THR C 31 -21.72 -17.69 -6.06
C THR C 31 -22.64 -16.49 -6.29
N GLY C 32 -22.06 -15.34 -6.62
CA GLY C 32 -22.85 -14.13 -6.85
C GLY C 32 -21.97 -12.96 -7.28
N TYR C 33 -22.62 -11.89 -7.74
CA TYR C 33 -21.93 -10.70 -8.22
C TYR C 33 -22.84 -9.47 -8.22
N THR C 34 -22.22 -8.30 -8.14
CA THR C 34 -22.89 -7.01 -8.22
C THR C 34 -22.53 -6.41 -9.56
N VAL C 35 -23.44 -5.67 -10.19
CA VAL C 35 -23.08 -4.98 -11.43
C VAL C 35 -23.73 -3.60 -11.39
N VAL C 36 -22.96 -2.59 -11.78
CA VAL C 36 -23.39 -1.19 -11.76
C VAL C 36 -23.05 -0.48 -13.07
N ASP C 37 -23.87 0.48 -13.47
CA ASP C 37 -23.54 1.28 -14.65
C ASP C 37 -22.60 2.39 -14.16
N THR C 38 -21.55 2.69 -14.93
CA THR C 38 -20.59 3.72 -14.56
C THR C 38 -20.18 4.54 -15.76
N GLY C 39 -19.75 5.78 -15.51
CA GLY C 39 -19.24 6.70 -16.54
C GLY C 39 -17.72 6.73 -16.46
N GLY C 40 -17.08 7.63 -17.22
CA GLY C 40 -15.61 7.74 -17.23
C GLY C 40 -15.00 8.40 -18.45
N SER C 59 -20.18 5.05 -20.60
CA SER C 59 -21.04 3.92 -20.97
C SER C 59 -20.34 2.58 -20.66
N ASN C 60 -20.05 2.41 -19.37
CA ASN C 60 -19.36 1.25 -18.84
C ASN C 60 -20.21 0.50 -17.86
N VAL C 61 -19.67 -0.63 -17.41
CA VAL C 61 -20.35 -1.44 -16.43
C VAL C 61 -19.27 -1.92 -15.47
N LYS C 62 -19.58 -1.96 -14.16
CA LYS C 62 -18.62 -2.41 -13.13
C LYS C 62 -19.15 -3.62 -12.38
N PHE C 63 -18.43 -4.74 -12.48
CA PHE C 63 -18.77 -5.98 -11.80
C PHE C 63 -17.95 -6.05 -10.53
N GLU C 64 -18.55 -6.51 -9.44
CA GLU C 64 -17.82 -6.79 -8.20
C GLU C 64 -18.16 -8.23 -7.82
N VAL C 65 -17.14 -9.02 -7.53
CA VAL C 65 -17.30 -10.42 -7.23
C VAL C 65 -16.41 -10.79 -6.04
N LEU C 66 -17.00 -11.31 -4.97
CA LEU C 66 -16.22 -11.79 -3.84
C LEU C 66 -15.97 -13.24 -4.16
N THR C 67 -14.72 -13.60 -4.39
CA THR C 67 -14.39 -14.95 -4.82
C THR C 67 -14.01 -15.82 -3.64
N GLU C 68 -14.25 -17.13 -3.81
CA GLU C 68 -13.94 -18.12 -2.78
C GLU C 68 -12.44 -17.96 -2.50
N ASN C 69 -11.62 -18.25 -3.51
CA ASN C 69 -10.18 -18.15 -3.36
C ASN C 69 -9.57 -17.27 -4.45
N ARG C 70 -8.28 -17.00 -4.28
CA ARG C 70 -7.53 -16.18 -5.20
C ARG C 70 -7.57 -16.80 -6.61
N GLU C 71 -7.32 -18.10 -6.70
CA GLU C 71 -7.35 -18.84 -7.96
C GLU C 71 -8.59 -18.54 -8.82
N MSE C 72 -9.76 -18.50 -8.21
CA MSE C 72 -10.99 -18.21 -8.95
C MSE C 72 -10.99 -16.78 -9.45
O MSE C 72 -11.45 -16.52 -10.56
CB MSE C 72 -12.21 -18.43 -8.08
CG MSE C 72 -13.51 -18.35 -8.85
SE MSE C 72 -14.96 -18.33 -7.60
CE MSE C 72 -15.02 -20.24 -7.15
N ALA C 73 -10.51 -15.86 -8.61
CA ALA C 73 -10.42 -14.44 -8.97
C ALA C 73 -9.54 -14.30 -10.22
N GLU C 74 -8.37 -14.93 -10.18
CA GLU C 74 -7.45 -14.89 -11.30
C GLU C 74 -7.98 -15.61 -12.53
N LYS C 75 -8.69 -16.73 -12.36
CA LYS C 75 -9.23 -17.46 -13.51
C LYS C 75 -10.25 -16.58 -14.26
N ILE C 76 -11.15 -15.93 -13.53
CA ILE C 76 -12.13 -15.02 -14.16
C ILE C 76 -11.44 -13.84 -14.84
N ALA C 77 -10.41 -13.30 -14.19
CA ALA C 77 -9.66 -12.15 -14.70
C ALA C 77 -8.97 -12.49 -15.99
N ASP C 78 -8.26 -13.62 -16.02
CA ASP C 78 -7.55 -14.12 -17.21
C ASP C 78 -8.51 -14.36 -18.37
N GLN C 79 -9.61 -15.06 -18.10
CA GLN C 79 -10.63 -15.33 -19.09
C GLN C 79 -11.24 -14.07 -19.72
N VAL C 80 -11.58 -13.08 -18.91
CA VAL C 80 -12.16 -11.83 -19.41
C VAL C 80 -11.14 -11.02 -20.20
N ALA C 81 -9.91 -10.89 -19.68
CA ALA C 81 -8.84 -10.12 -20.32
C ALA C 81 -8.41 -10.72 -21.64
N ILE C 82 -8.05 -12.00 -21.62
CA ILE C 82 -7.60 -12.69 -22.84
C ILE C 82 -8.67 -12.64 -23.93
N LYS C 83 -9.93 -12.89 -23.54
CA LYS C 83 -11.04 -12.92 -24.47
C LYS C 83 -11.48 -11.56 -25.02
N PHE C 84 -11.44 -10.51 -24.21
CA PHE C 84 -11.98 -9.22 -24.64
C PHE C 84 -11.06 -8.02 -24.62
N PHE C 85 -10.01 -8.07 -23.82
CA PHE C 85 -9.17 -6.86 -23.61
C PHE C 85 -8.24 -6.44 -24.73
N THR C 86 -8.17 -7.24 -25.80
CA THR C 86 -7.41 -6.88 -27.01
C THR C 86 -8.36 -6.18 -28.00
N ASP C 87 -9.66 -6.30 -27.76
CA ASP C 87 -10.67 -5.66 -28.59
C ASP C 87 -11.46 -4.58 -27.84
N TYR C 88 -11.52 -4.69 -26.51
CA TYR C 88 -12.30 -3.75 -25.70
C TYR C 88 -11.51 -3.18 -24.55
N ALA C 89 -11.98 -2.01 -24.08
CA ALA C 89 -11.37 -1.31 -22.99
C ALA C 89 -11.87 -1.95 -21.69
N GLY C 90 -11.00 -1.99 -20.69
CA GLY C 90 -11.36 -2.57 -19.40
C GLY C 90 -10.19 -2.66 -18.46
N ILE C 91 -10.47 -2.66 -17.15
CA ILE C 91 -9.45 -2.89 -16.13
C ILE C 91 -9.99 -3.90 -15.13
N ILE C 92 -9.10 -4.68 -14.55
CA ILE C 92 -9.46 -5.66 -13.57
C ILE C 92 -8.47 -5.51 -12.40
N TYR C 93 -9.02 -5.45 -11.18
CA TYR C 93 -8.19 -5.38 -10.00
C TYR C 93 -8.89 -6.11 -8.85
N ILE C 94 -8.13 -6.39 -7.81
CA ILE C 94 -8.57 -7.09 -6.64
C ILE C 94 -8.30 -6.21 -5.42
N CYS C 95 -9.27 -6.21 -4.50
CA CYS C 95 -9.20 -5.55 -3.21
C CYS C 95 -9.45 -6.64 -2.16
N GLU C 96 -8.80 -6.53 -1.02
CA GLU C 96 -9.11 -7.46 0.07
C GLU C 96 -10.39 -7.05 0.75
N ALA C 97 -11.23 -8.04 1.03
CA ALA C 97 -12.48 -7.84 1.73
C ALA C 97 -12.57 -8.79 2.91
N GLU C 98 -13.20 -8.36 3.98
CA GLU C 98 -13.44 -9.27 5.08
C GLU C 98 -14.94 -9.50 5.12
N VAL C 99 -15.39 -10.68 4.74
CA VAL C 99 -16.82 -10.99 4.73
C VAL C 99 -17.35 -11.30 6.13
N LEU C 100 -18.39 -10.56 6.52
CA LEU C 100 -19.03 -10.70 7.82
C LEU C 100 -20.28 -11.56 7.73
N TYR C 101 -21.13 -11.29 6.73
CA TYR C 101 -22.35 -12.06 6.46
C TYR C 101 -22.53 -12.27 4.96
N GLY C 102 -23.05 -13.43 4.58
CA GLY C 102 -23.28 -13.82 3.19
C GLY C 102 -22.77 -15.22 2.88
N MSE D 2 -2.96 8.08 13.59
CA MSE D 2 -2.85 8.84 12.31
C MSE D 2 -1.50 8.65 11.62
O MSE D 2 -0.51 8.27 12.26
CB MSE D 2 -3.14 10.29 12.53
CG MSE D 2 -3.73 10.94 11.32
SE MSE D 2 -5.19 12.06 11.87
CE MSE D 2 -4.08 13.60 12.49
N SER D 3 -1.47 8.94 10.32
CA SER D 3 -0.37 8.54 9.46
C SER D 3 -0.07 9.50 8.30
N LYS D 4 1.17 9.54 7.82
CA LYS D 4 1.52 10.36 6.64
C LYS D 4 2.51 9.71 5.68
N ARG D 5 2.23 9.69 4.37
CA ARG D 5 3.14 9.09 3.41
C ARG D 5 4.30 10.06 3.12
N ALA D 6 5.50 9.52 3.07
CA ALA D 6 6.69 10.27 2.79
C ALA D 6 7.59 9.49 1.85
N ASN D 7 8.58 10.20 1.33
CA ASN D 7 9.59 9.65 0.46
C ASN D 7 10.79 9.33 1.30
N LYS D 8 11.22 8.08 1.29
CA LYS D 8 12.44 7.66 1.95
C LYS D 8 13.54 7.68 0.88
N LEU D 9 14.31 8.76 0.85
CA LEU D 9 15.41 8.89 -0.09
C LEU D 9 16.62 8.17 0.46
N VAL D 10 17.18 7.23 -0.30
CA VAL D 10 18.38 6.51 0.13
C VAL D 10 19.53 6.83 -0.83
N ILE D 11 20.67 7.25 -0.26
CA ILE D 11 21.87 7.61 -1.01
C ILE D 11 23.00 6.70 -0.55
N VAL D 12 23.50 5.84 -1.43
CA VAL D 12 24.65 4.96 -1.08
C VAL D 12 25.80 5.49 -1.89
N THR D 13 26.89 5.83 -1.21
CA THR D 13 28.07 6.38 -1.89
C THR D 13 29.33 6.07 -1.11
N GLU D 14 30.45 6.62 -1.55
CA GLU D 14 31.75 6.39 -0.92
C GLU D 14 31.87 7.14 0.41
N LYS D 15 32.44 6.48 1.43
CA LYS D 15 32.53 7.06 2.77
C LYS D 15 33.20 8.44 2.79
N VAL D 16 34.14 8.67 1.87
CA VAL D 16 34.83 9.97 1.75
C VAL D 16 33.90 11.16 1.57
N LEU D 17 32.72 10.91 1.00
CA LEU D 17 31.73 11.98 0.79
C LEU D 17 30.74 12.19 1.93
N LEU D 18 30.95 11.53 3.08
CA LEU D 18 30.00 11.60 4.22
C LEU D 18 29.66 13.02 4.63
N LYS D 19 30.69 13.82 4.90
CA LYS D 19 30.55 15.19 5.33
C LYS D 19 29.89 16.04 4.24
N LYS D 20 30.37 15.88 3.01
CA LYS D 20 29.81 16.66 1.90
C LYS D 20 28.33 16.36 1.68
N VAL D 21 27.96 15.09 1.63
CA VAL D 21 26.55 14.71 1.42
C VAL D 21 25.67 15.10 2.62
N ALA D 22 26.20 14.95 3.83
CA ALA D 22 25.47 15.38 5.02
C ALA D 22 25.12 16.87 4.94
N LYS D 23 26.07 17.69 4.49
CA LYS D 23 25.85 19.13 4.35
C LYS D 23 24.74 19.42 3.33
N ILE D 24 24.70 18.69 2.23
CA ILE D 24 23.66 18.86 1.20
C ILE D 24 22.28 18.52 1.74
N ILE D 25 22.19 17.43 2.49
CA ILE D 25 20.93 17.03 3.10
C ILE D 25 20.40 18.12 4.04
N GLU D 26 21.27 18.55 4.94
CA GLU D 26 20.94 19.57 5.90
C GLU D 26 20.55 20.90 5.21
N GLU D 27 21.36 21.35 4.25
CA GLU D 27 21.08 22.60 3.51
C GLU D 27 19.80 22.52 2.67
N ALA D 28 19.38 21.32 2.31
CA ALA D 28 18.12 21.11 1.55
C ALA D 28 16.91 21.34 2.45
N GLY D 29 17.15 21.33 3.76
CA GLY D 29 16.11 21.55 4.74
C GLY D 29 15.63 20.27 5.37
N ALA D 30 16.37 19.16 5.16
CA ALA D 30 15.99 17.87 5.76
C ALA D 30 15.94 18.04 7.24
N THR D 31 14.87 17.56 7.88
CA THR D 31 14.77 17.67 9.34
C THR D 31 15.67 16.66 10.06
N GLY D 32 16.02 15.57 9.37
CA GLY D 32 16.88 14.56 9.98
C GLY D 32 17.26 13.48 8.99
N TYR D 33 18.18 12.62 9.42
CA TYR D 33 18.67 11.54 8.57
C TYR D 33 19.47 10.51 9.33
N THR D 34 19.57 9.35 8.72
CA THR D 34 20.30 8.21 9.22
C THR D 34 21.54 8.00 8.36
N VAL D 35 22.64 7.56 8.94
CA VAL D 35 23.80 7.24 8.14
C VAL D 35 24.48 5.99 8.71
N VAL D 36 24.77 5.02 7.85
CA VAL D 36 25.39 3.76 8.27
C VAL D 36 26.60 3.42 7.39
N ASP D 37 27.53 2.66 7.93
CA ASP D 37 28.65 2.19 7.13
C ASP D 37 28.20 0.87 6.47
N THR D 38 28.55 0.72 5.19
CA THR D 38 28.16 -0.45 4.41
C THR D 38 29.30 -0.93 3.50
N GLY D 39 29.29 -2.22 3.17
CA GLY D 39 30.26 -2.81 2.26
C GLY D 39 29.60 -3.00 0.90
N GLY D 40 30.27 -3.69 -0.02
CA GLY D 40 29.73 -3.91 -1.36
C GLY D 40 30.74 -4.23 -2.45
N SER D 59 35.49 1.90 2.07
CA SER D 59 34.14 1.54 2.50
C SER D 59 33.11 2.51 1.91
N ASN D 60 31.83 2.17 2.06
CA ASN D 60 30.73 3.03 1.61
C ASN D 60 29.94 3.53 2.81
N VAL D 61 29.03 4.46 2.55
CA VAL D 61 28.17 5.00 3.58
C VAL D 61 26.76 5.08 2.96
N LYS D 62 25.74 4.79 3.76
CA LYS D 62 24.34 4.83 3.29
C LYS D 62 23.54 5.82 4.11
N PHE D 63 22.98 6.83 3.45
CA PHE D 63 22.13 7.82 4.09
C PHE D 63 20.69 7.45 3.82
N GLU D 64 19.82 7.66 4.79
CA GLU D 64 18.37 7.50 4.61
C GLU D 64 17.73 8.79 5.14
N VAL D 65 16.87 9.38 4.33
CA VAL D 65 16.25 10.64 4.67
C VAL D 65 14.78 10.59 4.28
N LEU D 66 13.91 10.82 5.25
CA LEU D 66 12.47 10.89 4.98
C LEU D 66 12.27 12.34 4.65
N THR D 67 11.88 12.63 3.42
CA THR D 67 11.74 14.00 3.01
C THR D 67 10.29 14.49 3.15
N GLU D 68 10.13 15.80 3.29
CA GLU D 68 8.83 16.44 3.45
C GLU D 68 8.00 16.12 2.23
N ASN D 69 8.54 16.44 1.07
CA ASN D 69 7.85 16.14 -0.19
C ASN D 69 8.83 15.56 -1.23
N ARG D 70 8.27 15.18 -2.37
CA ARG D 70 9.04 14.62 -3.46
C ARG D 70 10.11 15.62 -3.96
N GLU D 71 9.69 16.86 -4.17
CA GLU D 71 10.60 17.95 -4.61
C GLU D 71 11.90 18.01 -3.84
N MSE D 72 11.83 17.88 -2.52
CA MSE D 72 13.03 17.90 -1.67
C MSE D 72 13.89 16.67 -1.92
O MSE D 72 15.11 16.75 -1.93
CB MSE D 72 12.68 17.96 -0.18
CG MSE D 72 13.91 17.98 0.76
SE MSE D 72 13.35 17.77 2.63
CE MSE D 72 12.39 19.44 2.69
N ALA D 73 13.25 15.52 -2.06
CA ALA D 73 13.97 14.29 -2.31
C ALA D 73 14.76 14.43 -3.61
N GLU D 74 14.11 14.91 -4.64
CA GLU D 74 14.74 15.10 -5.94
C GLU D 74 15.80 16.20 -5.95
N LYS D 75 15.59 17.28 -5.19
CA LYS D 75 16.59 18.35 -5.12
C LYS D 75 17.85 17.79 -4.51
N ILE D 76 17.74 17.07 -3.40
CA ILE D 76 18.92 16.46 -2.76
C ILE D 76 19.64 15.48 -3.69
N ALA D 77 18.87 14.64 -4.37
CA ALA D 77 19.38 13.63 -5.30
C ALA D 77 20.14 14.29 -6.47
N ASP D 78 19.54 15.30 -7.08
CA ASP D 78 20.15 16.01 -8.19
C ASP D 78 21.47 16.67 -7.78
N GLN D 79 21.53 17.28 -6.60
CA GLN D 79 22.75 17.91 -6.13
C GLN D 79 23.85 16.94 -5.86
N VAL D 80 23.52 15.85 -5.17
CA VAL D 80 24.52 14.83 -4.86
C VAL D 80 25.06 14.19 -6.15
N ALA D 81 24.14 13.80 -7.03
CA ALA D 81 24.50 13.16 -8.31
C ALA D 81 25.30 14.05 -9.24
N ILE D 82 24.79 15.24 -9.53
CA ILE D 82 25.46 16.16 -10.42
C ILE D 82 26.82 16.57 -9.86
N LYS D 83 26.91 16.87 -8.56
CA LYS D 83 28.19 17.31 -7.98
C LYS D 83 29.22 16.17 -7.81
N PHE D 84 28.81 14.92 -7.56
CA PHE D 84 29.81 13.88 -7.29
C PHE D 84 29.85 12.59 -8.13
N PHE D 85 28.77 12.20 -8.82
CA PHE D 85 28.70 10.85 -9.42
C PHE D 85 29.48 10.58 -10.71
N THR D 86 30.01 11.63 -11.30
CA THR D 86 30.90 11.43 -12.44
C THR D 86 32.27 10.95 -11.91
N ASP D 87 32.60 11.28 -10.66
CA ASP D 87 33.90 10.94 -10.07
C ASP D 87 33.85 9.88 -9.00
N TYR D 88 32.78 9.83 -8.22
CA TYR D 88 32.63 8.86 -7.13
C TYR D 88 31.49 7.94 -7.43
N ALA D 89 31.53 6.76 -6.83
CA ALA D 89 30.49 5.76 -7.01
C ALA D 89 29.23 6.03 -6.14
N GLY D 90 28.08 5.60 -6.62
CA GLY D 90 26.86 5.75 -5.84
C GLY D 90 25.57 5.52 -6.57
N ILE D 91 24.54 5.17 -5.78
CA ILE D 91 23.16 5.05 -6.27
C ILE D 91 22.25 5.84 -5.33
N ILE D 92 21.16 6.32 -5.90
CA ILE D 92 20.17 7.05 -5.19
C ILE D 92 18.79 6.53 -5.57
N TYR D 93 18.01 6.17 -4.57
CA TYR D 93 16.67 5.76 -4.86
C TYR D 93 15.72 6.22 -3.80
N ILE D 94 14.45 6.05 -4.11
CA ILE D 94 13.37 6.42 -3.24
C ILE D 94 12.46 5.21 -3.02
N CYS D 95 12.05 5.04 -1.76
CA CYS D 95 11.09 4.04 -1.34
C CYS D 95 9.98 4.81 -0.64
N GLU D 96 8.75 4.37 -0.80
CA GLU D 96 7.61 4.99 -0.12
C GLU D 96 7.54 4.50 1.31
N ALA D 97 7.41 5.43 2.23
CA ALA D 97 7.35 5.16 3.66
C ALA D 97 6.08 5.75 4.25
N GLU D 98 5.51 5.08 5.23
CA GLU D 98 4.35 5.60 5.91
C GLU D 98 4.82 5.97 7.31
N VAL D 99 4.92 7.27 7.60
CA VAL D 99 5.40 7.71 8.92
C VAL D 99 4.29 7.62 9.96
N LEU D 100 4.57 6.94 11.05
CA LEU D 100 3.60 6.77 12.11
C LEU D 100 3.88 7.72 13.25
N TYR D 101 5.13 7.75 13.71
CA TYR D 101 5.52 8.61 14.82
C TYR D 101 6.75 9.40 14.40
N GLY D 102 6.86 10.60 14.96
CA GLY D 102 7.91 11.56 14.60
C GLY D 102 7.43 12.35 13.39
N SER E 3 13.58 8.67 -14.23
CA SER E 3 13.46 7.75 -13.04
C SER E 3 12.93 6.36 -13.44
N LYS E 4 13.37 5.31 -12.73
CA LYS E 4 13.00 3.93 -13.08
C LYS E 4 12.65 3.06 -11.88
N ARG E 5 11.53 2.36 -11.96
CA ARG E 5 11.07 1.45 -10.91
C ARG E 5 11.92 0.18 -10.90
N ALA E 6 12.41 -0.22 -9.72
CA ALA E 6 13.27 -1.38 -9.56
C ALA E 6 12.90 -2.15 -8.32
N ASN E 7 13.40 -3.37 -8.24
CA ASN E 7 13.16 -4.25 -7.13
C ASN E 7 14.34 -4.16 -6.22
N LYS E 8 14.10 -3.83 -4.97
CA LYS E 8 15.16 -3.82 -3.98
C LYS E 8 15.05 -5.15 -3.27
N LEU E 9 15.90 -6.10 -3.65
CA LEU E 9 15.94 -7.40 -3.01
C LEU E 9 16.77 -7.28 -1.74
N VAL E 10 16.23 -7.73 -0.62
CA VAL E 10 16.94 -7.74 0.64
C VAL E 10 17.09 -9.19 1.14
N ILE E 11 18.32 -9.58 1.49
CA ILE E 11 18.65 -10.89 2.00
C ILE E 11 19.31 -10.71 3.36
N VAL E 12 18.68 -11.24 4.40
CA VAL E 12 19.25 -11.20 5.74
C VAL E 12 19.58 -12.65 6.07
N THR E 13 20.84 -12.93 6.38
CA THR E 13 21.25 -14.30 6.71
C THR E 13 22.45 -14.25 7.67
N GLU E 14 23.03 -15.41 7.96
CA GLU E 14 24.15 -15.50 8.88
C GLU E 14 25.44 -14.98 8.24
N LYS E 15 26.26 -14.29 9.04
CA LYS E 15 27.51 -13.69 8.53
C LYS E 15 28.43 -14.68 7.83
N VAL E 16 28.43 -15.93 8.26
CA VAL E 16 29.27 -16.98 7.65
C VAL E 16 29.04 -17.16 6.14
N LEU E 17 27.83 -16.83 5.67
CA LEU E 17 27.46 -16.97 4.26
C LEU E 17 27.74 -15.71 3.41
N LEU E 18 28.44 -14.73 3.97
CA LEU E 18 28.69 -13.50 3.26
C LEU E 18 29.34 -13.73 1.88
N LYS E 19 30.47 -14.43 1.86
CA LYS E 19 31.21 -14.69 0.61
C LYS E 19 30.39 -15.51 -0.38
N LYS E 20 29.70 -16.53 0.13
CA LYS E 20 28.90 -17.40 -0.72
C LYS E 20 27.74 -16.66 -1.35
N VAL E 21 27.01 -15.87 -0.56
CA VAL E 21 25.87 -15.09 -1.06
C VAL E 21 26.31 -13.98 -2.01
N ALA E 22 27.45 -13.35 -1.70
CA ALA E 22 28.02 -12.31 -2.56
C ALA E 22 28.30 -12.89 -3.95
N LYS E 23 28.85 -14.11 -3.99
CA LYS E 23 29.17 -14.78 -5.26
C LYS E 23 27.92 -15.02 -6.10
N ILE E 24 26.84 -15.42 -5.45
CA ILE E 24 25.55 -15.69 -6.11
C ILE E 24 24.96 -14.41 -6.72
N ILE E 25 25.03 -13.30 -5.97
CA ILE E 25 24.54 -12.01 -6.44
C ILE E 25 25.29 -11.63 -7.70
N GLU E 26 26.61 -11.65 -7.60
CA GLU E 26 27.51 -11.30 -8.70
C GLU E 26 27.35 -12.20 -9.94
N GLU E 27 27.29 -13.51 -9.72
CA GLU E 27 27.08 -14.46 -10.81
C GLU E 27 25.69 -14.39 -11.45
N ALA E 28 24.70 -13.84 -10.72
CA ALA E 28 23.36 -13.64 -11.28
C ALA E 28 23.37 -12.46 -12.26
N GLY E 29 24.42 -11.63 -12.19
CA GLY E 29 24.57 -10.47 -13.07
C GLY E 29 24.21 -9.18 -12.37
N ALA E 30 24.13 -9.17 -11.04
CA ALA E 30 23.82 -7.97 -10.30
C ALA E 30 24.93 -6.98 -10.59
N THR E 31 24.55 -5.74 -10.87
CA THR E 31 25.52 -4.68 -11.16
C THR E 31 26.20 -4.18 -9.88
N GLY E 32 25.55 -4.38 -8.74
CA GLY E 32 26.12 -3.95 -7.45
C GLY E 32 25.22 -4.36 -6.30
N TYR E 33 25.72 -4.20 -5.08
CA TYR E 33 24.96 -4.52 -3.87
C TYR E 33 25.63 -3.89 -2.66
N THR E 34 24.84 -3.70 -1.62
CA THR E 34 25.26 -3.17 -0.33
C THR E 34 25.25 -4.32 0.68
N VAL E 35 26.14 -4.31 1.65
CA VAL E 35 26.16 -5.35 2.67
C VAL E 35 26.46 -4.70 4.01
N VAL E 36 25.68 -5.02 5.04
CA VAL E 36 25.85 -4.46 6.39
C VAL E 36 25.80 -5.54 7.44
N ASP E 37 26.48 -5.32 8.56
CA ASP E 37 26.41 -6.24 9.68
C ASP E 37 25.18 -5.87 10.50
N THR E 38 24.42 -6.87 10.94
CA THR E 38 23.21 -6.65 11.71
C THR E 38 23.06 -7.64 12.85
N GLY E 39 22.35 -7.23 13.91
CA GLY E 39 22.05 -8.08 15.05
C GLY E 39 20.62 -8.62 14.93
N GLY E 40 20.12 -9.29 15.96
CA GLY E 40 18.75 -9.84 15.93
C GLY E 40 18.49 -10.95 16.93
N ASN E 60 24.65 -11.52 12.04
CA ASN E 60 24.01 -11.54 10.72
C ASN E 60 24.58 -10.52 9.74
N VAL E 61 24.20 -10.69 8.48
CA VAL E 61 24.63 -9.81 7.42
C VAL E 61 23.39 -9.50 6.58
N LYS E 62 23.25 -8.26 6.13
CA LYS E 62 22.11 -7.86 5.31
C LYS E 62 22.58 -7.35 3.95
N PHE E 63 22.19 -8.04 2.88
CA PHE E 63 22.48 -7.62 1.54
C PHE E 63 21.30 -6.86 1.00
N GLU E 64 21.57 -5.82 0.23
CA GLU E 64 20.53 -5.08 -0.49
C GLU E 64 21.00 -4.98 -1.93
N VAL E 65 20.12 -5.36 -2.86
CA VAL E 65 20.45 -5.42 -4.27
C VAL E 65 19.30 -4.85 -5.10
N LEU E 66 19.57 -3.81 -5.87
CA LEU E 66 18.57 -3.26 -6.78
C LEU E 66 18.72 -4.05 -8.05
N THR E 67 17.70 -4.82 -8.41
CA THR E 67 17.84 -5.69 -9.56
C THR E 67 17.25 -5.04 -10.79
N GLU E 68 17.77 -5.47 -11.94
CA GLU E 68 17.34 -4.96 -13.25
C GLU E 68 15.84 -5.23 -13.32
N ASN E 69 15.48 -6.51 -13.25
CA ASN E 69 14.08 -6.92 -13.32
C ASN E 69 13.71 -7.85 -12.17
N ARG E 70 12.44 -8.18 -12.12
CA ARG E 70 11.89 -9.10 -11.13
C ARG E 70 12.56 -10.47 -11.23
N GLU E 71 12.65 -11.00 -12.45
CA GLU E 71 13.24 -12.31 -12.73
C GLU E 71 14.61 -12.49 -12.09
N MSE E 72 15.45 -11.47 -12.13
CA MSE E 72 16.78 -11.59 -11.50
C MSE E 72 16.68 -11.59 -9.98
O MSE E 72 17.46 -12.27 -9.30
CB MSE E 72 17.71 -10.48 -11.96
CG MSE E 72 19.13 -10.66 -11.46
SE MSE E 72 19.94 -8.98 -11.77
CE MSE E 72 20.45 -9.37 -13.67
N ALA E 73 15.78 -10.78 -9.45
CA ALA E 73 15.54 -10.74 -8.02
C ALA E 73 15.15 -12.15 -7.54
N GLU E 74 14.19 -12.76 -8.23
CA GLU E 74 13.71 -14.09 -7.89
C GLU E 74 14.79 -15.15 -8.10
N LYS E 75 15.58 -15.04 -9.16
CA LYS E 75 16.64 -16.01 -9.42
C LYS E 75 17.63 -16.04 -8.26
N ILE E 76 18.09 -14.87 -7.82
CA ILE E 76 19.03 -14.79 -6.70
C ILE E 76 18.41 -15.35 -5.41
N ALA E 77 17.14 -15.02 -5.17
CA ALA E 77 16.41 -15.45 -3.97
C ALA E 77 16.26 -16.96 -3.94
N ASP E 78 15.85 -17.55 -5.07
CA ASP E 78 15.72 -19.00 -5.22
C ASP E 78 17.05 -19.70 -4.97
N GLN E 79 18.11 -19.20 -5.61
CA GLN E 79 19.45 -19.76 -5.44
C GLN E 79 19.93 -19.75 -3.99
N VAL E 80 19.76 -18.65 -3.29
CA VAL E 80 20.23 -18.53 -1.92
C VAL E 80 19.41 -19.43 -1.00
N ALA E 81 18.09 -19.39 -1.15
CA ALA E 81 17.17 -20.14 -0.32
C ALA E 81 17.38 -21.64 -0.47
N ILE E 82 17.28 -22.12 -1.70
CA ILE E 82 17.44 -23.53 -2.01
C ILE E 82 18.80 -24.07 -1.52
N LYS E 83 19.86 -23.32 -1.78
CA LYS E 83 21.20 -23.73 -1.41
C LYS E 83 21.50 -23.64 0.09
N PHE E 84 20.97 -22.66 0.82
CA PHE E 84 21.36 -22.48 2.23
C PHE E 84 20.30 -22.52 3.30
N PHE E 85 19.05 -22.25 2.95
CA PHE E 85 18.03 -22.09 3.97
C PHE E 85 17.54 -23.35 4.70
N THR E 86 17.76 -24.54 4.14
CA THR E 86 17.46 -25.76 4.87
C THR E 86 18.56 -26.06 5.90
N ASP E 87 19.69 -25.34 5.81
CA ASP E 87 20.81 -25.46 6.75
C ASP E 87 21.01 -24.20 7.63
N TYR E 88 20.72 -23.02 7.07
CA TYR E 88 20.96 -21.74 7.77
C TYR E 88 19.71 -20.87 7.91
N ALA E 89 19.77 -19.95 8.86
CA ALA E 89 18.69 -19.00 9.09
C ALA E 89 18.76 -17.93 8.01
N GLY E 90 17.60 -17.41 7.62
CA GLY E 90 17.55 -16.39 6.61
C GLY E 90 16.18 -15.92 6.25
N ILE E 91 16.11 -14.71 5.72
CA ILE E 91 14.88 -14.12 5.23
C ILE E 91 15.23 -13.39 3.95
N ILE E 92 14.34 -13.48 2.96
CA ILE E 92 14.53 -12.81 1.68
C ILE E 92 13.23 -12.13 1.31
N TYR E 93 13.29 -10.82 1.07
CA TYR E 93 12.12 -10.08 0.63
C TYR E 93 12.47 -9.01 -0.40
N ILE E 94 11.43 -8.44 -1.00
CA ILE E 94 11.54 -7.41 -2.00
C ILE E 94 10.73 -6.20 -1.61
N CYS E 95 11.31 -5.02 -1.83
CA CYS E 95 10.66 -3.71 -1.65
C CYS E 95 10.73 -2.98 -2.97
N GLU E 96 9.70 -2.23 -3.31
CA GLU E 96 9.71 -1.42 -4.52
C GLU E 96 10.59 -0.20 -4.29
N ALA E 97 11.46 0.11 -5.24
CA ALA E 97 12.34 1.25 -5.16
C ALA E 97 12.24 2.04 -6.46
N GLU E 98 12.40 3.35 -6.38
CA GLU E 98 12.42 4.15 -7.58
C GLU E 98 13.83 4.70 -7.68
N VAL E 99 14.60 4.21 -8.64
CA VAL E 99 15.98 4.66 -8.82
C VAL E 99 16.04 6.00 -9.56
N LEU E 100 16.70 6.97 -8.94
CA LEU E 100 16.86 8.31 -9.47
C LEU E 100 18.20 8.43 -10.18
N TYR E 101 19.25 7.87 -9.56
CA TYR E 101 20.60 7.87 -10.11
C TYR E 101 21.33 6.58 -9.74
N GLY E 102 22.13 6.07 -10.67
CA GLY E 102 22.89 4.84 -10.48
C GLY E 102 23.34 4.23 -11.80
N LYS F 4 4.52 -13.54 -0.41
CA LYS F 4 3.52 -12.97 0.55
C LYS F 4 3.83 -11.51 0.97
N ARG F 5 2.82 -10.64 0.87
CA ARG F 5 2.92 -9.22 1.23
C ARG F 5 3.03 -9.05 2.75
N ALA F 6 4.00 -8.26 3.20
CA ALA F 6 4.15 -8.03 4.63
C ALA F 6 4.49 -6.57 4.88
N ASN F 7 4.43 -6.19 6.14
CA ASN F 7 4.73 -4.85 6.56
C ASN F 7 6.10 -4.89 7.12
N LYS F 8 6.98 -4.04 6.60
CA LYS F 8 8.32 -3.89 7.16
C LYS F 8 8.24 -2.66 8.07
N LEU F 9 8.13 -2.91 9.37
CA LEU F 9 8.09 -1.85 10.35
C LEU F 9 9.51 -1.46 10.66
N VAL F 10 9.81 -0.16 10.58
CA VAL F 10 11.14 0.34 10.92
C VAL F 10 11.03 1.33 12.12
N ILE F 11 11.84 1.10 13.14
CA ILE F 11 11.90 1.93 14.32
C ILE F 11 13.33 2.48 14.47
N VAL F 12 13.50 3.80 14.38
CA VAL F 12 14.81 4.39 14.59
C VAL F 12 14.70 5.18 15.88
N THR F 13 15.56 4.88 16.84
CA THR F 13 15.53 5.55 18.12
C THR F 13 16.92 5.56 18.76
N GLU F 14 16.99 6.03 20.00
CA GLU F 14 18.26 6.13 20.70
C GLU F 14 18.78 4.75 21.14
N LYS F 15 20.09 4.54 21.02
CA LYS F 15 20.70 3.24 21.36
C LYS F 15 20.34 2.77 22.75
N VAL F 16 20.19 3.69 23.71
CA VAL F 16 19.86 3.33 25.10
C VAL F 16 18.58 2.48 25.23
N LEU F 17 17.66 2.64 24.29
CA LEU F 17 16.41 1.89 24.32
C LEU F 17 16.46 0.53 23.60
N LEU F 18 17.66 0.08 23.19
CA LEU F 18 17.79 -1.16 22.43
C LEU F 18 17.11 -2.34 23.10
N LYS F 19 17.46 -2.60 24.36
CA LYS F 19 16.92 -3.73 25.14
C LYS F 19 15.42 -3.59 25.38
N LYS F 20 14.98 -2.38 25.73
CA LYS F 20 13.57 -2.11 25.98
C LYS F 20 12.71 -2.30 24.70
N VAL F 21 13.15 -1.76 23.58
CA VAL F 21 12.39 -1.91 22.32
C VAL F 21 12.45 -3.35 21.79
N ALA F 22 13.58 -4.02 21.92
CA ALA F 22 13.68 -5.43 21.54
C ALA F 22 12.67 -6.28 22.34
N LYS F 23 12.49 -5.99 23.63
CA LYS F 23 11.52 -6.73 24.46
C LYS F 23 10.10 -6.54 23.94
N ILE F 24 9.76 -5.32 23.53
CA ILE F 24 8.43 -4.99 23.00
C ILE F 24 8.14 -5.75 21.71
N ILE F 25 9.13 -5.80 20.82
CA ILE F 25 9.01 -6.51 19.55
C ILE F 25 8.76 -7.99 19.82
N GLU F 26 9.60 -8.58 20.67
CA GLU F 26 9.48 -9.98 21.04
C GLU F 26 8.13 -10.30 21.71
N GLU F 27 7.74 -9.49 22.69
CA GLU F 27 6.46 -9.67 23.41
C GLU F 27 5.23 -9.45 22.53
N ALA F 28 5.39 -8.69 21.43
CA ALA F 28 4.31 -8.46 20.48
C ALA F 28 4.07 -9.72 19.63
N GLY F 29 5.03 -10.63 19.67
CA GLY F 29 4.94 -11.89 18.95
C GLY F 29 5.71 -11.85 17.65
N ALA F 30 6.60 -10.86 17.50
CA ALA F 30 7.42 -10.78 16.28
C ALA F 30 8.26 -12.05 16.20
N THR F 31 8.29 -12.67 15.02
CA THR F 31 9.07 -13.91 14.82
C THR F 31 10.57 -13.59 14.73
N GLY F 32 10.91 -12.36 14.38
CA GLY F 32 12.31 -11.96 14.26
C GLY F 32 12.42 -10.49 13.94
N TYR F 33 13.65 -9.96 14.00
CA TYR F 33 13.94 -8.56 13.71
C TYR F 33 15.43 -8.35 13.51
N THR F 34 15.77 -7.31 12.77
CA THR F 34 17.15 -6.89 12.50
C THR F 34 17.40 -5.63 13.34
N VAL F 35 18.63 -5.42 13.78
CA VAL F 35 18.96 -4.20 14.52
C VAL F 35 20.36 -3.74 14.11
N VAL F 36 20.49 -2.47 13.76
CA VAL F 36 21.75 -1.90 13.29
C VAL F 36 22.05 -0.61 14.04
N ASP F 37 23.32 -0.27 14.18
CA ASP F 37 23.70 1.01 14.75
C ASP F 37 23.72 2.06 13.62
N THR F 38 23.19 3.24 13.89
CA THR F 38 23.12 4.31 12.88
C THR F 38 23.47 5.66 13.48
N GLY F 39 23.93 6.58 12.63
CA GLY F 39 24.27 7.96 13.01
C GLY F 39 23.16 8.87 12.54
N GLY F 40 23.34 10.19 12.68
CA GLY F 40 22.33 11.16 12.24
C GLY F 40 22.38 12.53 12.87
N ASN F 60 22.39 6.07 17.59
CA ASN F 60 21.03 5.56 17.40
C ASN F 60 21.04 4.11 16.99
N VAL F 61 19.86 3.50 17.02
CA VAL F 61 19.71 2.12 16.64
C VAL F 61 18.51 2.05 15.70
N LYS F 62 18.58 1.17 14.71
CA LYS F 62 17.49 0.98 13.78
C LYS F 62 17.00 -0.47 13.79
N PHE F 63 15.74 -0.68 14.20
CA PHE F 63 15.12 -2.00 14.15
C PHE F 63 14.33 -2.13 12.86
N GLU F 64 14.34 -3.31 12.27
CA GLU F 64 13.49 -3.62 11.11
C GLU F 64 12.78 -4.92 11.46
N VAL F 65 11.46 -4.93 11.32
CA VAL F 65 10.66 -6.09 11.67
C VAL F 65 9.63 -6.30 10.59
N LEU F 66 9.61 -7.51 10.00
CA LEU F 66 8.56 -7.87 9.05
C LEU F 66 7.46 -8.47 9.91
N THR F 67 6.30 -7.84 9.95
CA THR F 67 5.24 -8.30 10.81
C THR F 67 4.26 -9.18 10.05
N GLU F 68 3.58 -10.03 10.80
CA GLU F 68 2.59 -10.94 10.24
C GLU F 68 1.56 -10.06 9.53
N ASN F 69 0.88 -9.22 10.31
CA ASN F 69 -0.15 -8.36 9.79
C ASN F 69 0.11 -6.93 10.19
N ARG F 70 -0.75 -6.05 9.68
CA ARG F 70 -0.73 -4.61 9.94
C ARG F 70 -0.95 -4.33 11.43
N GLU F 71 -1.95 -4.98 12.01
CA GLU F 71 -2.28 -4.86 13.43
C GLU F 71 -1.08 -5.03 14.36
N MSE F 72 -0.23 -6.01 14.06
CA MSE F 72 0.98 -6.25 14.87
C MSE F 72 2.01 -5.12 14.70
O MSE F 72 2.68 -4.73 15.65
CB MSE F 72 1.63 -7.57 14.46
CG MSE F 72 2.85 -7.91 15.31
SE MSE F 72 3.79 -9.46 14.63
CE MSE F 72 2.72 -10.90 15.50
N ALA F 73 2.14 -4.63 13.47
CA ALA F 73 3.06 -3.52 13.20
C ALA F 73 2.60 -2.29 13.99
N GLU F 74 1.30 -2.01 13.96
CA GLU F 74 0.74 -0.86 14.68
C GLU F 74 0.78 -1.05 16.19
N LYS F 75 0.57 -2.26 16.68
CA LYS F 75 0.62 -2.50 18.13
C LYS F 75 2.03 -2.21 18.65
N ILE F 76 3.06 -2.70 17.96
CA ILE F 76 4.45 -2.44 18.37
C ILE F 76 4.80 -0.95 18.33
N ALA F 77 4.35 -0.28 17.25
CA ALA F 77 4.59 1.14 17.04
C ALA F 77 3.97 2.01 18.14
N ASP F 78 2.71 1.71 18.46
CA ASP F 78 1.97 2.39 19.52
C ASP F 78 2.65 2.22 20.88
N GLN F 79 3.03 0.99 21.22
CA GLN F 79 3.70 0.76 22.51
C GLN F 79 4.99 1.54 22.62
N VAL F 80 5.84 1.42 21.60
CA VAL F 80 7.13 2.09 21.62
C VAL F 80 6.95 3.61 21.75
N ALA F 81 6.08 4.17 20.92
CA ALA F 81 5.82 5.61 20.88
C ALA F 81 5.27 6.12 22.20
N ILE F 82 4.16 5.52 22.63
CA ILE F 82 3.50 5.92 23.86
C ILE F 82 4.43 5.82 25.07
N LYS F 83 5.17 4.72 25.15
CA LYS F 83 6.07 4.52 26.29
C LYS F 83 7.36 5.36 26.23
N PHE F 84 7.91 5.65 25.07
CA PHE F 84 9.21 6.35 25.04
C PHE F 84 9.29 7.67 24.29
N PHE F 85 8.33 7.96 23.43
CA PHE F 85 8.43 9.14 22.56
C PHE F 85 8.12 10.51 23.15
N THR F 86 7.74 10.57 24.42
CA THR F 86 7.63 11.87 25.09
C THR F 86 8.99 12.19 25.75
N ASP F 87 9.74 11.14 26.13
CA ASP F 87 11.06 11.26 26.76
C ASP F 87 12.23 11.04 25.80
N TYR F 88 11.99 10.37 24.66
CA TYR F 88 13.07 10.02 23.73
C TYR F 88 12.78 10.39 22.29
N ALA F 89 13.87 10.57 21.54
CA ALA F 89 13.80 10.88 20.14
C ALA F 89 13.60 9.57 19.36
N GLY F 90 12.84 9.63 18.28
CA GLY F 90 12.60 8.49 17.43
C GLY F 90 11.62 8.73 16.32
N ILE F 91 11.63 7.82 15.35
CA ILE F 91 10.70 7.87 14.24
C ILE F 91 10.29 6.44 13.93
N ILE F 92 9.07 6.27 13.43
CA ILE F 92 8.57 4.95 13.13
C ILE F 92 7.84 5.01 11.83
N TYR F 93 8.12 4.04 10.97
CA TYR F 93 7.49 4.01 9.70
C TYR F 93 7.32 2.60 9.19
N ILE F 94 6.42 2.44 8.23
CA ILE F 94 6.19 1.16 7.59
C ILE F 94 6.47 1.25 6.10
N CYS F 95 7.09 0.21 5.56
CA CYS F 95 7.30 0.05 4.11
C CYS F 95 6.67 -1.30 3.72
N GLU F 96 6.10 -1.37 2.52
CA GLU F 96 5.57 -2.64 2.01
C GLU F 96 6.73 -3.50 1.52
N ALA F 97 6.70 -4.77 1.92
CA ALA F 97 7.71 -5.73 1.59
C ALA F 97 7.04 -6.98 1.05
N GLU F 98 7.68 -7.66 0.12
CA GLU F 98 7.15 -8.90 -0.39
C GLU F 98 8.14 -9.97 0.00
N VAL F 99 7.74 -10.82 0.94
CA VAL F 99 8.61 -11.89 1.44
C VAL F 99 8.66 -13.06 0.46
N LEU F 100 9.87 -13.42 0.06
CA LEU F 100 10.09 -14.52 -0.87
C LEU F 100 10.44 -15.80 -0.11
N TYR F 101 11.29 -15.69 0.92
CA TYR F 101 11.69 -16.83 1.76
C TYR F 101 11.83 -16.41 3.22
N GLY F 102 11.80 -17.41 4.11
CA GLY F 102 11.92 -17.21 5.55
C GLY F 102 10.61 -17.49 6.26
C1 EDO G . -23.10 9.39 -14.30
O1 EDO G . -22.55 10.70 -14.10
C2 EDO G . -22.51 8.74 -15.54
O2 EDO G . -22.91 7.36 -15.61
C1 IPA H . -8.80 4.41 -13.30
C2 IPA H . -9.71 3.35 -13.93
C3 IPA H . -9.89 3.60 -15.44
O2 IPA H . -10.95 3.26 -13.22
#